data_4ZMS
#
_entry.id   4ZMS
#
_cell.length_a   40.980
_cell.length_b   115.526
_cell.length_c   50.073
_cell.angle_alpha   90.000
_cell.angle_beta   92.410
_cell.angle_gamma   90.000
#
_symmetry.space_group_name_H-M   'P 1 21 1'
#
loop_
_entity.id
_entity.type
_entity.pdbx_description
1 polymer 'Response regulator'
2 non-polymer 'MAGNESIUM ION'
3 non-polymer 'BERYLLIUM TRIFLUORIDE ION'
4 non-polymer '5-amino-2,4,6-tribromobenzene-1,3-diyl dihydroperoxide'
5 water water
#
_entity_poly.entity_id   1
_entity_poly.type   'polypeptide(L)'
_entity_poly.pdbx_seq_one_letter_code
;GLVPRGSHMKVLVAEDQSMLRDAMCQLLTLQPDVESVLQAKNGQEAIQLLEKESVDIAILDVEMPVKTGLEVLEWIRSEK
LETKVVVVTTFKRAGYFERAVKAGVDAYVLKERSIADLMQTLHTVLEGRKEYSPELMEMVMTRPNPLTEQEIAVLKGIAR
GLSNQEIADQLYLSNGTIRNYVTNILSKLDAGNRTEAANIAKESGWL
;
_entity_poly.pdbx_strand_id   A,B
#
# COMPACT_ATOMS: atom_id res chain seq x y z
N GLY A 1 -1.70 -17.85 29.40
CA GLY A 1 -1.26 -16.70 28.52
C GLY A 1 -1.79 -15.34 29.01
N LEU A 2 -2.72 -15.36 29.95
CA LEU A 2 -3.28 -14.07 30.43
C LEU A 2 -2.23 -13.24 31.18
N VAL A 3 -2.13 -11.98 30.77
CA VAL A 3 -1.18 -11.00 31.29
C VAL A 3 -2.06 -9.95 31.91
N PRO A 4 -2.01 -9.81 33.24
CA PRO A 4 -3.04 -8.99 33.89
C PRO A 4 -2.72 -7.50 33.87
N ARG A 5 -2.60 -6.99 32.65
CA ARG A 5 -2.22 -5.61 32.42
C ARG A 5 -3.14 -4.95 31.41
N GLY A 6 -4.35 -5.51 31.26
CA GLY A 6 -5.40 -5.00 30.40
C GLY A 6 -5.82 -3.55 30.60
N SER A 7 -5.57 -3.00 31.78
CA SER A 7 -5.93 -1.61 32.09
C SER A 7 -4.74 -0.65 31.91
N HIS A 8 -3.57 -1.18 31.59
CA HIS A 8 -2.40 -0.30 31.39
C HIS A 8 -1.36 -0.94 30.50
N MET A 9 -1.79 -1.23 29.28
CA MET A 9 -0.95 -1.98 28.38
C MET A 9 0.10 -1.11 27.76
N LYS A 10 1.27 -1.70 27.60
CA LYS A 10 2.40 -1.07 26.91
C LYS A 10 2.47 -1.66 25.52
N VAL A 11 2.28 -0.86 24.47
CA VAL A 11 2.32 -1.42 23.11
C VAL A 11 3.36 -0.72 22.26
N LEU A 12 3.71 -1.39 21.17
CA LEU A 12 4.54 -0.89 20.13
C LEU A 12 3.78 -1.09 18.80
N VAL A 13 3.87 -0.08 17.93
CA VAL A 13 3.28 -0.10 16.58
C VAL A 13 4.39 0.08 15.56
N ALA A 14 4.56 -0.90 14.66
CA ALA A 14 5.50 -0.78 13.53
C ALA A 14 4.67 -0.74 12.27
N GLU A 15 4.80 0.35 11.52
CA GLU A 15 3.95 0.61 10.36
C GLU A 15 4.66 1.64 9.52
N ASP A 16 4.95 1.34 8.24
CA ASP A 16 5.76 2.25 7.42
C ASP A 16 4.97 3.32 6.71
N GLN A 17 3.66 3.21 6.64
CA GLN A 17 2.87 4.34 6.17
C GLN A 17 2.69 5.33 7.28
N SER A 18 3.28 6.52 7.14
CA SER A 18 3.44 7.42 8.26
C SER A 18 2.10 7.99 8.73
N MET A 19 1.19 8.28 7.82
CA MET A 19 -0.06 8.88 8.24
C MET A 19 -0.86 7.88 9.06
N LEU A 20 -0.91 6.62 8.59
CA LEU A 20 -1.60 5.57 9.36
C LEU A 20 -0.89 5.30 10.72
N ARG A 21 0.44 5.23 10.72
CA ARG A 21 1.15 4.95 11.99
C ARG A 21 0.82 5.99 13.03
N ASP A 22 0.95 7.23 12.61
CA ASP A 22 0.67 8.37 13.50
C ASP A 22 -0.79 8.33 14.04
N ALA A 23 -1.74 8.21 13.13
CA ALA A 23 -3.12 8.15 13.54
C ALA A 23 -3.40 6.95 14.49
N MET A 24 -2.88 5.77 14.16
CA MET A 24 -3.02 4.59 15.07
C MET A 24 -2.46 4.87 16.45
N CYS A 25 -1.26 5.42 16.50
CA CYS A 25 -0.61 5.69 17.78
C CYS A 25 -1.35 6.75 18.55
N GLN A 26 -1.83 7.80 17.88
CA GLN A 26 -2.58 8.83 18.62
C GLN A 26 -3.83 8.25 19.26
N LEU A 27 -4.60 7.48 18.51
CA LEU A 27 -5.83 6.91 19.06
C LEU A 27 -5.59 5.85 20.13
N LEU A 28 -4.56 5.02 19.98
CA LEU A 28 -4.20 4.08 21.03
C LEU A 28 -3.81 4.80 22.29
N THR A 29 -3.04 5.87 22.16
CA THR A 29 -2.59 6.61 23.34
C THR A 29 -3.79 7.15 24.11
N LEU A 30 -4.88 7.48 23.42
CA LEU A 30 -6.07 8.09 24.07
C LEU A 30 -6.96 7.10 24.79
N GLN A 31 -6.75 5.82 24.50
CA GLN A 31 -7.51 4.72 25.11
C GLN A 31 -7.19 4.62 26.60
N PRO A 32 -8.21 4.40 27.45
CA PRO A 32 -7.97 4.38 28.90
C PRO A 32 -7.16 3.16 29.29
N ASP A 33 -7.18 2.13 28.45
CA ASP A 33 -6.51 0.84 28.78
C ASP A 33 -5.03 0.81 28.34
N VAL A 34 -4.62 1.81 27.60
CA VAL A 34 -3.25 1.91 27.07
C VAL A 34 -2.35 2.88 27.87
N GLU A 35 -1.31 2.33 28.46
CA GLU A 35 -0.32 3.12 29.21
C GLU A 35 0.60 3.91 28.32
N SER A 36 1.07 3.27 27.24
CA SER A 36 2.06 3.90 26.37
C SER A 36 2.15 3.19 25.04
N VAL A 37 2.60 3.92 24.02
CA VAL A 37 2.70 3.44 22.64
C VAL A 37 4.08 3.80 22.14
N LEU A 38 4.87 2.81 21.74
CA LEU A 38 6.13 3.02 21.08
C LEU A 38 5.90 2.94 19.59
N GLN A 39 6.57 3.79 18.85
CA GLN A 39 6.29 3.90 17.45
C GLN A 39 7.57 3.60 16.61
N ALA A 40 7.39 2.76 15.57
CA ALA A 40 8.49 2.33 14.67
C ALA A 40 8.04 2.46 13.20
N LYS A 41 8.92 3.06 12.35
CA LYS A 41 8.64 3.23 10.92
C LYS A 41 9.01 2.02 10.07
N ASN A 42 9.72 1.06 10.65
CA ASN A 42 10.13 -0.14 9.95
C ASN A 42 10.55 -1.24 10.94
N GLY A 43 10.83 -2.46 10.46
CA GLY A 43 11.03 -3.55 11.39
C GLY A 43 12.36 -3.48 12.13
N GLN A 44 13.35 -2.83 11.54
CA GLN A 44 14.65 -2.66 12.21
C GLN A 44 14.54 -1.68 13.40
N GLU A 45 13.77 -0.63 13.21
CA GLU A 45 13.46 0.28 14.32
C GLU A 45 12.72 -0.46 15.44
N ALA A 46 11.76 -1.32 15.07
CA ALA A 46 11.00 -2.05 16.09
C ALA A 46 11.93 -2.85 16.96
N ILE A 47 12.81 -3.60 16.30
CA ILE A 47 13.72 -4.48 16.97
C ILE A 47 14.65 -3.67 17.84
N GLN A 48 15.21 -2.61 17.31
CA GLN A 48 16.04 -1.75 18.15
C GLN A 48 15.30 -1.29 19.40
N LEU A 49 14.03 -0.95 19.27
CA LEU A 49 13.32 -0.43 20.45
C LEU A 49 13.09 -1.52 21.46
N LEU A 50 12.77 -2.71 20.94
CA LEU A 50 12.49 -3.88 21.78
C LEU A 50 13.75 -4.46 22.45
N GLU A 51 14.93 -4.14 21.95
CA GLU A 51 16.17 -4.49 22.62
C GLU A 51 16.36 -3.75 23.93
N LYS A 52 15.69 -2.61 24.10
CA LYS A 52 15.97 -1.71 25.24
C LYS A 52 14.80 -1.48 26.20
N GLU A 53 13.59 -1.84 25.82
CA GLU A 53 12.53 -1.84 26.76
C GLU A 53 11.45 -2.87 26.43
N SER A 54 10.73 -3.24 27.48
CA SER A 54 9.67 -4.23 27.41
C SER A 54 8.36 -3.68 26.89
N VAL A 55 7.64 -4.48 26.09
CA VAL A 55 6.26 -4.15 25.77
C VAL A 55 5.44 -5.40 25.92
N ASP A 56 4.15 -5.19 26.19
CA ASP A 56 3.16 -6.24 26.37
C ASP A 56 2.64 -6.78 25.05
N ILE A 57 2.51 -5.86 24.08
CA ILE A 57 2.00 -6.21 22.74
C ILE A 57 2.74 -5.45 21.66
N ALA A 58 3.26 -6.18 20.66
CA ALA A 58 3.76 -5.53 19.46
C ALA A 58 2.77 -5.71 18.34
N ILE A 59 2.47 -4.59 17.69
CA ILE A 59 1.50 -4.48 16.65
C ILE A 59 2.26 -4.21 15.37
N LEU A 60 2.26 -5.17 14.45
CA LEU A 60 3.23 -5.12 13.32
C LEU A 60 2.60 -5.21 11.97
N ASP A 61 3.02 -4.30 11.14
CA ASP A 61 2.68 -4.32 9.73
C ASP A 61 3.53 -5.43 9.13
N VAL A 62 3.09 -6.06 8.06
CA VAL A 62 4.01 -6.98 7.33
C VAL A 62 5.06 -6.21 6.46
N GLU A 63 4.60 -5.58 5.41
CA GLU A 63 5.51 -4.94 4.48
C GLU A 63 6.05 -3.59 4.96
N MET A 64 7.34 -3.63 5.32
CA MET A 64 8.08 -2.48 5.81
C MET A 64 9.50 -2.57 5.32
N PRO A 65 10.20 -1.42 5.15
CA PRO A 65 11.64 -1.45 4.88
C PRO A 65 12.47 -2.19 5.93
N VAL A 66 13.56 -2.80 5.42
CA VAL A 66 14.69 -3.31 6.17
C VAL A 66 14.38 -4.64 6.81
N LYS A 67 13.37 -4.66 7.67
CA LYS A 67 12.84 -5.91 8.22
C LYS A 67 11.32 -5.90 8.17
N THR A 68 10.70 -6.97 7.72
CA THR A 68 9.27 -7.04 7.67
C THR A 68 8.74 -7.40 9.07
N GLY A 69 7.42 -7.29 9.27
CA GLY A 69 6.88 -7.56 10.60
C GLY A 69 6.96 -9.06 10.88
N LEU A 70 6.96 -9.86 9.83
CA LEU A 70 7.14 -11.28 10.00
C LEU A 70 8.51 -11.62 10.54
N GLU A 71 9.51 -10.88 10.07
CA GLU A 71 10.86 -11.06 10.57
C GLU A 71 10.98 -10.58 12.00
N VAL A 72 10.30 -9.49 12.33
CA VAL A 72 10.25 -9.00 13.69
C VAL A 72 9.56 -10.03 14.59
N LEU A 73 8.45 -10.57 14.13
CA LEU A 73 7.73 -11.62 14.88
C LEU A 73 8.68 -12.76 15.24
N GLU A 74 9.39 -13.24 14.24
CA GLU A 74 10.37 -14.30 14.44
C GLU A 74 11.49 -13.90 15.39
N TRP A 75 11.95 -12.64 15.34
CA TRP A 75 12.98 -12.17 16.29
C TRP A 75 12.43 -12.15 17.72
N ILE A 76 11.20 -11.65 17.83
CA ILE A 76 10.54 -11.59 19.10
C ILE A 76 10.43 -12.97 19.75
N ARG A 77 10.13 -14.00 18.97
CA ARG A 77 9.98 -15.35 19.52
C ARG A 77 11.35 -15.96 19.83
N SER A 78 12.31 -15.75 18.94
CA SER A 78 13.70 -16.23 19.16
C SER A 78 14.29 -15.62 20.45
N GLU A 79 13.88 -14.42 20.79
CA GLU A 79 14.36 -13.78 22.00
C GLU A 79 13.54 -14.20 23.24
N LYS A 80 12.52 -15.02 23.03
CA LYS A 80 11.56 -15.42 24.10
C LYS A 80 11.01 -14.21 24.89
N LEU A 81 10.67 -13.15 24.20
CA LEU A 81 10.08 -12.00 24.86
C LEU A 81 8.65 -12.32 25.38
N GLU A 82 8.29 -11.74 26.52
CA GLU A 82 6.92 -11.80 27.09
C GLU A 82 6.09 -10.70 26.40
N THR A 83 5.82 -10.93 25.13
CA THR A 83 5.19 -9.94 24.27
C THR A 83 4.25 -10.70 23.35
N LYS A 84 2.97 -10.32 23.35
CA LYS A 84 2.03 -10.78 22.37
C LYS A 84 2.33 -10.05 21.05
N VAL A 85 2.06 -10.71 19.93
CA VAL A 85 2.24 -10.12 18.65
C VAL A 85 0.93 -10.14 17.86
N VAL A 86 0.59 -8.96 17.34
CA VAL A 86 -0.56 -8.77 16.47
C VAL A 86 -0.09 -8.23 15.15
N VAL A 87 -0.25 -9.02 14.07
CA VAL A 87 0.02 -8.54 12.74
C VAL A 87 -1.19 -7.81 12.19
N VAL A 88 -0.94 -6.61 11.66
CA VAL A 88 -1.98 -5.85 11.00
C VAL A 88 -1.49 -5.49 9.62
N THR A 89 -2.18 -6.01 8.61
CA THR A 89 -1.74 -5.88 7.24
C THR A 89 -2.84 -5.67 6.21
N THR A 90 -2.48 -5.06 5.08
CA THR A 90 -3.38 -4.97 3.94
C THR A 90 -3.46 -6.31 3.26
N PHE A 91 -2.46 -7.20 3.42
CA PHE A 91 -2.33 -8.33 2.50
C PHE A 91 -3.00 -9.60 3.00
N LYS A 92 -3.77 -10.19 2.08
CA LYS A 92 -4.46 -11.47 2.27
C LYS A 92 -3.68 -12.65 1.63
N ARG A 93 -2.40 -12.49 1.39
CA ARG A 93 -1.58 -13.64 0.93
C ARG A 93 -1.50 -14.74 1.94
N ALA A 94 -1.85 -15.94 1.50
CA ALA A 94 -1.95 -17.10 2.40
C ALA A 94 -0.62 -17.46 3.03
N GLY A 95 0.45 -17.27 2.26
CA GLY A 95 1.78 -17.60 2.74
C GLY A 95 2.26 -16.75 3.90
N TYR A 96 1.84 -15.47 3.92
CA TYR A 96 2.26 -14.57 5.00
C TYR A 96 1.59 -15.05 6.26
N PHE A 97 0.30 -15.28 6.15
CA PHE A 97 -0.52 -15.81 7.26
C PHE A 97 0.01 -17.13 7.79
N GLU A 98 0.30 -18.09 6.90
CA GLU A 98 0.85 -19.35 7.36
C GLU A 98 2.17 -19.17 8.07
N ARG A 99 3.03 -18.29 7.56
CA ARG A 99 4.32 -18.04 8.21
C ARG A 99 4.17 -17.46 9.62
N ALA A 100 3.19 -16.58 9.79
CA ALA A 100 2.96 -15.93 11.07
C ALA A 100 2.49 -16.99 12.06
N VAL A 101 1.56 -17.85 11.64
CA VAL A 101 1.06 -18.89 12.53
C VAL A 101 2.16 -19.90 12.89
N LYS A 102 3.03 -20.22 11.92
CA LYS A 102 4.13 -21.15 12.26
C LYS A 102 5.06 -20.47 13.29
N ALA A 103 5.08 -19.14 13.33
CA ALA A 103 5.88 -18.46 14.35
C ALA A 103 5.08 -18.16 15.62
N GLY A 104 3.87 -18.68 15.74
CA GLY A 104 3.04 -18.46 16.94
C GLY A 104 2.57 -17.00 17.13
N VAL A 105 2.21 -16.34 16.05
CA VAL A 105 1.58 -15.02 16.17
C VAL A 105 0.32 -15.16 17.06
N ASP A 106 -0.01 -14.12 17.81
CA ASP A 106 -1.20 -14.15 18.66
C ASP A 106 -2.44 -13.65 17.90
N ALA A 107 -2.26 -12.73 16.95
CA ALA A 107 -3.39 -12.39 16.12
C ALA A 107 -2.89 -11.93 14.75
N TYR A 108 -3.73 -12.10 13.75
CA TYR A 108 -3.44 -11.68 12.38
C TYR A 108 -4.73 -11.11 11.80
N VAL A 109 -4.70 -9.78 11.60
CA VAL A 109 -5.90 -9.07 11.16
C VAL A 109 -5.61 -8.08 10.03
N LEU A 110 -6.67 -7.77 9.30
CA LEU A 110 -6.53 -7.00 8.07
C LEU A 110 -6.87 -5.55 8.31
N LYS A 111 -6.38 -4.69 7.41
CA LYS A 111 -6.61 -3.26 7.57
C LYS A 111 -8.00 -2.89 7.07
N GLU A 112 -8.77 -3.91 6.71
CA GLU A 112 -10.22 -3.78 6.59
C GLU A 112 -10.90 -3.62 7.95
N ARG A 113 -10.20 -3.95 9.03
CA ARG A 113 -10.80 -3.85 10.37
C ARG A 113 -10.79 -2.39 10.85
N SER A 114 -11.62 -2.04 11.84
CA SER A 114 -11.59 -0.72 12.48
C SER A 114 -10.62 -0.63 13.67
N ILE A 115 -10.45 0.58 14.20
CA ILE A 115 -9.74 0.78 15.45
C ILE A 115 -10.39 0.04 16.59
N ALA A 116 -11.73 0.03 16.62
CA ALA A 116 -12.47 -0.66 17.67
C ALA A 116 -12.17 -2.15 17.57
N ASP A 117 -12.17 -2.68 16.34
CA ASP A 117 -11.77 -4.09 16.15
C ASP A 117 -10.37 -4.35 16.69
N LEU A 118 -9.43 -3.43 16.41
CA LEU A 118 -8.07 -3.56 16.86
C LEU A 118 -7.98 -3.59 18.40
N MET A 119 -8.71 -2.69 19.08
CA MET A 119 -8.69 -2.70 20.52
C MET A 119 -9.19 -4.03 21.06
N GLN A 120 -10.24 -4.60 20.44
CA GLN A 120 -10.72 -5.89 20.88
C GLN A 120 -9.66 -6.96 20.74
N THR A 121 -8.96 -6.92 19.60
CA THR A 121 -7.86 -7.85 19.31
C THR A 121 -6.77 -7.76 20.36
N LEU A 122 -6.42 -6.54 20.75
CA LEU A 122 -5.36 -6.38 21.74
C LEU A 122 -5.79 -6.95 23.10
N HIS A 123 -7.05 -6.73 23.51
CA HIS A 123 -7.51 -7.37 24.75
C HIS A 123 -7.55 -8.88 24.66
N THR A 124 -8.03 -9.40 23.54
CA THR A 124 -8.02 -10.85 23.28
C THR A 124 -6.61 -11.46 23.41
N VAL A 125 -5.59 -10.90 22.77
CA VAL A 125 -4.30 -11.57 22.86
C VAL A 125 -3.72 -11.39 24.25
N LEU A 126 -4.00 -10.28 24.92
CA LEU A 126 -3.40 -10.07 26.24
C LEU A 126 -4.04 -11.01 27.26
N GLU A 127 -5.29 -11.38 27.01
CA GLU A 127 -5.95 -12.37 27.83
C GLU A 127 -5.63 -13.84 27.44
N GLY A 128 -4.66 -14.00 26.56
CA GLY A 128 -4.09 -15.30 26.23
C GLY A 128 -4.80 -16.04 25.13
N ARG A 129 -5.64 -15.33 24.37
CA ARG A 129 -6.42 -15.97 23.31
C ARG A 129 -5.81 -15.56 21.98
N LYS A 130 -6.28 -16.17 20.87
CA LYS A 130 -5.77 -15.91 19.53
C LYS A 130 -6.88 -15.27 18.76
N GLU A 131 -6.55 -14.42 17.76
CA GLU A 131 -7.57 -13.99 16.77
C GLU A 131 -7.00 -14.06 15.35
N TYR A 132 -7.67 -14.80 14.48
CA TYR A 132 -7.20 -14.99 13.10
C TYR A 132 -8.24 -14.46 12.16
N SER A 133 -7.80 -13.64 11.23
CA SER A 133 -8.69 -13.15 10.20
C SER A 133 -9.59 -14.24 9.63
N PRO A 134 -10.93 -14.06 9.75
CA PRO A 134 -11.85 -15.10 9.27
C PRO A 134 -11.65 -15.33 7.80
N GLU A 135 -11.42 -14.26 7.06
CA GLU A 135 -11.25 -14.38 5.64
C GLU A 135 -10.02 -15.21 5.29
N LEU A 136 -8.95 -15.01 6.03
CA LEU A 136 -7.73 -15.75 5.76
C LEU A 136 -7.87 -17.26 6.23
N MET A 137 -8.61 -17.47 7.30
CA MET A 137 -8.80 -18.84 7.80
C MET A 137 -9.53 -19.61 6.69
N GLU A 138 -10.63 -19.04 6.20
CA GLU A 138 -11.45 -19.69 5.19
C GLU A 138 -10.62 -20.09 4.02
N MET A 139 -9.90 -19.10 3.50
CA MET A 139 -8.99 -19.22 2.36
C MET A 139 -8.06 -20.40 2.47
N VAL A 140 -7.38 -20.45 3.60
CA VAL A 140 -6.44 -21.50 3.85
C VAL A 140 -7.13 -22.87 4.17
N MET A 141 -8.36 -22.89 4.69
CA MET A 141 -8.97 -24.19 5.03
C MET A 141 -9.53 -24.91 3.81
N THR A 142 -9.48 -24.29 2.65
CA THR A 142 -10.03 -24.95 1.48
C THR A 142 -8.86 -25.34 0.59
N ARG A 143 -8.70 -26.65 0.40
CA ARG A 143 -7.58 -27.22 -0.34
C ARG A 143 -8.03 -27.75 -1.71
N PRO A 144 -7.14 -27.71 -2.71
CA PRO A 144 -7.39 -28.44 -3.97
C PRO A 144 -7.50 -29.96 -3.76
N ASN A 145 -7.98 -30.72 -4.74
CA ASN A 145 -7.70 -32.15 -4.72
C ASN A 145 -6.18 -32.27 -4.91
N PRO A 146 -5.48 -32.90 -3.95
CA PRO A 146 -4.03 -33.03 -4.12
C PRO A 146 -3.59 -34.24 -4.97
N LEU A 147 -4.55 -35.07 -5.40
CA LEU A 147 -4.20 -36.35 -6.00
C LEU A 147 -4.18 -36.32 -7.56
N THR A 148 -3.14 -36.91 -8.15
CA THR A 148 -3.12 -37.09 -9.61
C THR A 148 -4.24 -38.06 -10.05
N GLU A 149 -4.50 -38.07 -11.35
CA GLU A 149 -5.52 -38.93 -11.94
C GLU A 149 -5.29 -40.41 -11.57
N GLN A 150 -4.02 -40.81 -11.69
CA GLN A 150 -3.62 -42.17 -11.40
C GLN A 150 -3.83 -42.50 -9.94
N GLU A 151 -3.35 -41.62 -9.06
CA GLU A 151 -3.51 -41.82 -7.63
C GLU A 151 -5.00 -41.99 -7.24
N ILE A 152 -5.89 -41.25 -7.86
CA ILE A 152 -7.32 -41.39 -7.57
C ILE A 152 -7.80 -42.81 -7.94
N ALA A 153 -7.46 -43.28 -9.14
CA ALA A 153 -7.78 -44.65 -9.58
C ALA A 153 -7.28 -45.75 -8.61
N VAL A 154 -6.03 -45.63 -8.17
CA VAL A 154 -5.44 -46.48 -7.15
C VAL A 154 -6.26 -46.49 -5.85
N LEU A 155 -6.61 -45.30 -5.38
CA LEU A 155 -7.38 -45.21 -4.14
C LEU A 155 -8.70 -45.90 -4.26
N LYS A 156 -9.36 -45.68 -5.40
CA LYS A 156 -10.64 -46.35 -5.62
C LYS A 156 -10.46 -47.87 -5.60
N GLY A 157 -9.43 -48.35 -6.28
CA GLY A 157 -9.11 -49.76 -6.22
C GLY A 157 -8.91 -50.19 -4.78
N ILE A 158 -8.17 -49.37 -4.02
CA ILE A 158 -7.88 -49.68 -2.63
C ILE A 158 -9.20 -49.80 -1.87
N ALA A 159 -10.16 -48.95 -2.23
CA ALA A 159 -11.43 -48.89 -1.51
C ALA A 159 -12.16 -50.23 -1.64
N ARG A 160 -12.07 -50.82 -2.83
CA ARG A 160 -12.76 -52.08 -3.15
C ARG A 160 -12.07 -53.32 -2.62
N GLY A 161 -11.01 -53.12 -1.85
CA GLY A 161 -10.24 -54.19 -1.28
C GLY A 161 -9.16 -54.82 -2.17
N LEU A 162 -8.90 -54.21 -3.32
CA LEU A 162 -7.86 -54.73 -4.23
C LEU A 162 -6.45 -54.71 -3.66
N SER A 163 -5.65 -55.69 -4.06
CA SER A 163 -4.23 -55.66 -3.74
C SER A 163 -3.56 -54.70 -4.75
N ASN A 164 -2.32 -54.33 -4.46
CA ASN A 164 -1.51 -53.56 -5.41
C ASN A 164 -1.44 -54.28 -6.75
N GLN A 165 -1.24 -55.59 -6.69
CA GLN A 165 -1.09 -56.38 -7.91
C GLN A 165 -2.39 -56.37 -8.71
N GLU A 166 -3.54 -56.43 -8.05
CA GLU A 166 -4.82 -56.39 -8.74
C GLU A 166 -5.03 -55.01 -9.39
N ILE A 167 -4.67 -53.97 -8.65
CA ILE A 167 -4.74 -52.62 -9.16
C ILE A 167 -3.78 -52.40 -10.35
N ALA A 168 -2.55 -52.87 -10.19
CA ALA A 168 -1.58 -52.91 -11.29
C ALA A 168 -2.23 -53.46 -12.59
N ASP A 169 -2.89 -54.61 -12.49
CA ASP A 169 -3.51 -55.25 -13.64
C ASP A 169 -4.62 -54.38 -14.22
N GLN A 170 -5.48 -53.90 -13.34
CA GLN A 170 -6.57 -53.04 -13.75
C GLN A 170 -6.06 -51.80 -14.51
N LEU A 171 -4.98 -51.19 -14.05
CA LEU A 171 -4.49 -49.96 -14.66
C LEU A 171 -3.45 -50.23 -15.73
N TYR A 172 -3.18 -51.50 -15.96
CA TYR A 172 -2.21 -51.87 -16.98
C TYR A 172 -0.80 -51.30 -16.67
N LEU A 173 -0.43 -51.37 -15.39
CA LEU A 173 0.89 -50.91 -14.92
C LEU A 173 1.58 -52.05 -14.13
N SER A 174 2.86 -51.85 -13.86
CA SER A 174 3.63 -52.75 -13.01
C SER A 174 3.32 -52.60 -11.54
N ASN A 175 3.50 -53.69 -10.82
CA ASN A 175 3.28 -53.71 -9.38
C ASN A 175 4.16 -52.66 -8.75
N GLY A 176 5.41 -52.54 -9.23
CA GLY A 176 6.32 -51.54 -8.69
C GLY A 176 5.77 -50.13 -8.84
N THR A 177 5.11 -49.87 -9.96
CA THR A 177 4.54 -48.56 -10.20
C THR A 177 3.40 -48.26 -9.22
N ILE A 178 2.56 -49.27 -8.94
CA ILE A 178 1.45 -49.07 -8.04
C ILE A 178 2.00 -48.80 -6.64
N ARG A 179 3.00 -49.57 -6.20
CA ARG A 179 3.58 -49.38 -4.86
C ARG A 179 4.14 -47.95 -4.70
N ASN A 180 4.72 -47.39 -5.76
CA ASN A 180 5.21 -45.99 -5.77
C ASN A 180 4.10 -45.00 -5.52
N TYR A 181 3.05 -45.08 -6.35
CA TYR A 181 1.83 -44.27 -6.14
C TYR A 181 1.31 -44.32 -4.71
N VAL A 182 1.22 -45.51 -4.13
CA VAL A 182 0.69 -45.66 -2.77
C VAL A 182 1.56 -44.90 -1.77
N THR A 183 2.86 -45.11 -1.85
CA THR A 183 3.81 -44.35 -1.03
C THR A 183 3.56 -42.84 -1.16
N ASN A 184 3.52 -42.38 -2.39
CA ASN A 184 3.27 -41.00 -2.67
C ASN A 184 1.93 -40.61 -2.00
N ILE A 185 0.91 -41.42 -2.22
CA ILE A 185 -0.43 -41.16 -1.71
C ILE A 185 -0.52 -41.07 -0.18
N LEU A 186 0.21 -41.93 0.51
CA LEU A 186 0.26 -41.88 1.98
C LEU A 186 0.80 -40.54 2.48
N SER A 187 1.82 -40.04 1.80
CA SER A 187 2.51 -38.81 2.21
C SER A 187 1.62 -37.61 1.95
N LYS A 188 1.01 -37.56 0.77
CA LYS A 188 0.13 -36.45 0.45
C LYS A 188 -1.12 -36.36 1.34
N LEU A 189 -1.68 -37.50 1.77
CA LEU A 189 -2.94 -37.49 2.51
C LEU A 189 -2.71 -37.58 4.02
N ASP A 190 -1.44 -37.49 4.39
CA ASP A 190 -0.99 -37.75 5.76
C ASP A 190 -1.65 -38.96 6.40
N ALA A 191 -1.78 -40.02 5.61
CA ALA A 191 -2.33 -41.28 6.09
C ALA A 191 -1.18 -42.24 6.44
N GLY A 192 -1.47 -43.30 7.20
CA GLY A 192 -0.42 -44.20 7.67
C GLY A 192 -0.20 -45.48 6.88
N ASN A 193 -1.29 -46.22 6.64
CA ASN A 193 -1.32 -47.42 5.79
C ASN A 193 -2.17 -47.13 4.53
N ARG A 194 -2.62 -48.16 3.80
CA ARG A 194 -3.37 -47.90 2.55
C ARG A 194 -4.87 -47.70 2.81
N THR A 195 -5.46 -48.34 3.82
CA THR A 195 -6.90 -48.15 4.07
C THR A 195 -7.28 -46.82 4.77
N GLU A 196 -6.37 -46.24 5.55
CA GLU A 196 -6.60 -44.88 6.08
C GLU A 196 -6.67 -43.90 4.88
N ALA A 197 -5.65 -43.96 4.01
CA ALA A 197 -5.61 -43.14 2.81
C ALA A 197 -6.94 -43.16 2.06
N ALA A 198 -7.50 -44.35 1.91
CA ALA A 198 -8.77 -44.50 1.21
C ALA A 198 -9.96 -43.80 1.91
N ASN A 199 -10.09 -43.91 3.24
CA ASN A 199 -11.27 -43.26 3.85
C ASN A 199 -10.96 -41.75 3.86
N ILE A 200 -9.72 -41.35 4.17
CA ILE A 200 -9.36 -39.92 4.12
C ILE A 200 -9.82 -39.23 2.83
N ALA A 201 -9.52 -39.80 1.66
CA ALA A 201 -9.78 -39.06 0.42
C ALA A 201 -11.26 -39.14 0.01
N LYS A 202 -11.94 -40.20 0.42
CA LYS A 202 -13.39 -40.26 0.21
C LYS A 202 -14.11 -39.27 1.15
N GLU A 203 -13.80 -39.33 2.45
CA GLU A 203 -14.46 -38.43 3.40
C GLU A 203 -14.19 -36.94 3.08
N SER A 204 -13.02 -36.62 2.52
CA SER A 204 -12.70 -35.28 1.99
C SER A 204 -13.22 -35.04 0.57
N GLY A 205 -14.08 -35.93 0.07
CA GLY A 205 -14.74 -35.80 -1.21
C GLY A 205 -13.82 -35.73 -2.43
N TRP A 206 -12.86 -36.66 -2.54
CA TRP A 206 -11.83 -36.57 -3.59
C TRP A 206 -11.79 -37.73 -4.63
N LEU A 207 -12.79 -38.60 -4.60
CA LEU A 207 -12.86 -39.70 -5.58
C LEU A 207 -14.07 -39.56 -6.50
N HIS B 8 -17.80 25.79 12.76
CA HIS B 8 -16.50 25.66 12.05
C HIS B 8 -16.42 24.50 11.00
N MET B 9 -15.28 23.80 10.88
CA MET B 9 -15.03 23.04 9.65
C MET B 9 -15.94 21.84 9.49
N LYS B 10 -16.58 21.78 8.34
CA LYS B 10 -17.33 20.63 7.90
C LYS B 10 -16.59 19.87 6.80
N VAL B 11 -16.10 18.68 7.15
CA VAL B 11 -15.28 17.92 6.20
C VAL B 11 -15.94 16.59 5.82
N LEU B 12 -15.58 16.10 4.64
CA LEU B 12 -15.88 14.77 4.16
C LEU B 12 -14.57 14.05 3.95
N VAL B 13 -14.46 12.80 4.42
CA VAL B 13 -13.31 11.95 4.12
C VAL B 13 -13.79 10.80 3.25
N ALA B 14 -13.08 10.63 2.14
CA ALA B 14 -13.23 9.48 1.23
C ALA B 14 -11.91 8.68 1.18
N GLU B 15 -11.99 7.40 1.57
CA GLU B 15 -10.80 6.58 1.79
C GLU B 15 -11.26 5.11 1.87
N ASP B 16 -10.70 4.27 1.03
CA ASP B 16 -11.27 2.92 0.96
C ASP B 16 -10.59 1.98 1.96
N GLN B 17 -9.41 2.32 2.47
CA GLN B 17 -8.85 1.48 3.56
C GLN B 17 -9.56 1.73 4.89
N SER B 18 -10.26 0.75 5.39
CA SER B 18 -11.07 0.99 6.55
C SER B 18 -10.33 1.47 7.79
N MET B 19 -9.17 0.89 8.10
CA MET B 19 -8.53 1.24 9.33
C MET B 19 -8.08 2.70 9.30
N LEU B 20 -7.49 3.11 8.18
CA LEU B 20 -7.07 4.49 8.06
C LEU B 20 -8.25 5.44 8.04
N ARG B 21 -9.31 5.12 7.31
CA ARG B 21 -10.46 6.02 7.24
C ARG B 21 -11.02 6.24 8.65
N ASP B 22 -11.19 5.14 9.41
CA ASP B 22 -11.70 5.24 10.76
C ASP B 22 -10.79 6.12 11.60
N ALA B 23 -9.48 5.92 11.49
CA ALA B 23 -8.55 6.60 12.38
C ALA B 23 -8.46 8.10 12.05
N MET B 24 -8.39 8.41 10.75
CA MET B 24 -8.42 9.81 10.30
C MET B 24 -9.68 10.52 10.77
N CYS B 25 -10.82 9.89 10.52
CA CYS B 25 -12.09 10.48 10.90
C CYS B 25 -12.23 10.71 12.41
N GLN B 26 -11.88 9.73 13.24
CA GLN B 26 -11.89 9.96 14.69
C GLN B 26 -10.98 11.12 15.09
N LEU B 27 -9.80 11.24 14.46
CA LEU B 27 -8.85 12.26 14.92
C LEU B 27 -9.28 13.63 14.45
N LEU B 28 -9.85 13.68 13.24
CA LEU B 28 -10.39 14.93 12.72
C LEU B 28 -11.51 15.44 13.61
N THR B 29 -12.31 14.49 14.06
CA THR B 29 -13.51 14.79 14.84
C THR B 29 -13.17 15.43 16.17
N LEU B 30 -12.02 15.02 16.70
CA LEU B 30 -11.51 15.51 17.95
C LEU B 30 -10.95 16.91 17.85
N GLN B 31 -10.71 17.41 16.64
CA GLN B 31 -10.08 18.71 16.49
C GLN B 31 -11.08 19.78 16.89
N PRO B 32 -10.67 20.75 17.73
CA PRO B 32 -11.56 21.86 18.12
C PRO B 32 -12.24 22.59 16.93
N ASP B 33 -11.55 22.89 15.83
CA ASP B 33 -12.25 23.67 14.80
C ASP B 33 -12.82 22.79 13.70
N VAL B 34 -12.93 21.48 13.95
CA VAL B 34 -13.71 20.60 13.08
C VAL B 34 -15.10 20.39 13.67
N GLU B 35 -16.12 20.76 12.91
CA GLU B 35 -17.51 20.66 13.33
C GLU B 35 -18.07 19.23 13.11
N SER B 36 -17.83 18.64 11.94
CA SER B 36 -18.41 17.34 11.62
C SER B 36 -17.56 16.68 10.56
N VAL B 37 -17.61 15.36 10.52
CA VAL B 37 -16.83 14.61 9.54
C VAL B 37 -17.72 13.59 8.92
N LEU B 38 -17.94 13.73 7.61
CA LEU B 38 -18.73 12.78 6.86
C LEU B 38 -17.74 11.74 6.26
N GLN B 39 -18.17 10.47 6.17
CA GLN B 39 -17.35 9.38 5.62
C GLN B 39 -17.90 8.66 4.41
N ALA B 40 -16.97 8.35 3.51
CA ALA B 40 -17.21 7.60 2.29
C ALA B 40 -16.10 6.61 2.15
N LYS B 41 -16.39 5.40 1.67
CA LYS B 41 -15.39 4.37 1.45
C LYS B 41 -15.10 4.20 -0.04
N ASN B 42 -15.80 4.95 -0.88
CA ASN B 42 -15.46 4.98 -2.27
C ASN B 42 -15.98 6.28 -2.91
N GLY B 43 -15.61 6.54 -4.15
CA GLY B 43 -15.93 7.82 -4.73
C GLY B 43 -17.41 7.97 -4.99
N GLN B 44 -18.13 6.86 -5.18
CA GLN B 44 -19.54 6.93 -5.44
C GLN B 44 -20.25 7.39 -4.19
N GLU B 45 -19.84 6.87 -3.04
CA GLU B 45 -20.44 7.29 -1.78
C GLU B 45 -20.16 8.77 -1.56
N ALA B 46 -19.01 9.21 -2.05
CA ALA B 46 -18.58 10.58 -1.78
C ALA B 46 -19.47 11.55 -2.54
N ILE B 47 -19.74 11.22 -3.81
CA ILE B 47 -20.62 12.04 -4.67
C ILE B 47 -22.04 12.03 -4.11
N GLN B 48 -22.50 10.86 -3.65
CA GLN B 48 -23.82 10.76 -3.05
C GLN B 48 -23.96 11.62 -1.83
N LEU B 49 -22.94 11.70 -0.98
CA LEU B 49 -23.01 12.53 0.22
C LEU B 49 -23.01 14.01 -0.18
N LEU B 50 -22.23 14.33 -1.20
CA LEU B 50 -22.05 15.71 -1.60
C LEU B 50 -23.31 16.23 -2.30
N GLU B 51 -24.10 15.31 -2.85
CA GLU B 51 -25.39 15.66 -3.39
C GLU B 51 -26.40 16.16 -2.37
N LYS B 52 -26.26 15.74 -1.11
CA LYS B 52 -27.31 16.03 -0.12
C LYS B 52 -26.88 16.98 1.00
N GLU B 53 -25.58 17.14 1.17
CA GLU B 53 -24.97 17.74 2.37
C GLU B 53 -23.91 18.76 1.92
N SER B 54 -23.81 19.90 2.57
CA SER B 54 -22.78 20.88 2.23
C SER B 54 -21.54 20.62 3.09
N VAL B 55 -20.45 20.65 2.39
CA VAL B 55 -19.15 20.46 2.91
C VAL B 55 -18.14 21.57 2.50
N ASP B 56 -17.35 22.00 3.47
CA ASP B 56 -16.32 22.97 3.30
C ASP B 56 -15.07 22.37 2.68
N ILE B 57 -14.70 21.19 3.12
CA ILE B 57 -13.55 20.51 2.59
C ILE B 57 -13.74 19.02 2.37
N ALA B 58 -13.40 18.55 1.19
CA ALA B 58 -13.41 17.11 0.90
C ALA B 58 -11.98 16.60 0.83
N ILE B 59 -11.72 15.56 1.61
CA ILE B 59 -10.42 14.94 1.70
C ILE B 59 -10.60 13.61 1.02
N LEU B 60 -9.89 13.43 -0.09
CA LEU B 60 -10.15 12.34 -1.01
C LEU B 60 -8.91 11.51 -1.29
N ASP B 61 -8.99 10.20 -1.04
CA ASP B 61 -8.03 9.23 -1.54
C ASP B 61 -8.11 9.17 -3.07
N VAL B 62 -7.02 8.80 -3.79
CA VAL B 62 -7.13 8.63 -5.23
C VAL B 62 -7.75 7.27 -5.54
N GLU B 63 -7.01 6.20 -5.26
CA GLU B 63 -7.49 4.86 -5.61
C GLU B 63 -8.55 4.34 -4.63
N MET B 64 -9.74 4.16 -5.15
CA MET B 64 -10.92 3.68 -4.43
C MET B 64 -11.75 2.96 -5.50
N PRO B 65 -12.52 1.94 -5.12
CA PRO B 65 -13.48 1.28 -6.01
C PRO B 65 -14.53 2.20 -6.67
N VAL B 66 -14.87 1.84 -7.91
CA VAL B 66 -16.01 2.41 -8.67
C VAL B 66 -15.75 3.83 -9.14
N LYS B 67 -15.49 4.77 -8.23
CA LYS B 67 -14.99 6.10 -8.66
C LYS B 67 -13.81 6.55 -7.79
N THR B 68 -12.75 7.01 -8.45
CA THR B 68 -11.55 7.53 -7.81
C THR B 68 -11.76 8.94 -7.29
N GLY B 69 -10.86 9.36 -6.41
CA GLY B 69 -10.86 10.70 -5.87
C GLY B 69 -10.73 11.72 -6.99
N LEU B 70 -10.00 11.38 -8.06
CA LEU B 70 -9.77 12.35 -9.13
C LEU B 70 -11.12 12.59 -9.84
N GLU B 71 -11.89 11.52 -10.03
CA GLU B 71 -13.24 11.66 -10.55
C GLU B 71 -14.14 12.42 -9.58
N VAL B 72 -14.03 12.20 -8.27
CA VAL B 72 -14.83 12.98 -7.34
C VAL B 72 -14.46 14.47 -7.42
N LEU B 73 -13.16 14.71 -7.55
CA LEU B 73 -12.69 16.08 -7.62
C LEU B 73 -13.35 16.82 -8.81
N GLU B 74 -13.25 16.16 -9.95
CA GLU B 74 -13.75 16.71 -11.18
C GLU B 74 -15.26 16.88 -11.11
N TRP B 75 -15.95 16.02 -10.37
CA TRP B 75 -17.39 16.17 -10.20
C TRP B 75 -17.67 17.43 -9.36
N ILE B 76 -16.85 17.62 -8.32
CA ILE B 76 -17.04 18.72 -7.43
C ILE B 76 -16.92 19.99 -8.23
N ARG B 77 -15.99 20.01 -9.17
CA ARG B 77 -15.74 21.19 -9.98
C ARG B 77 -16.85 21.44 -11.01
N SER B 78 -17.35 20.41 -11.69
CA SER B 78 -18.42 20.66 -12.67
C SER B 78 -19.69 21.06 -11.96
N GLU B 79 -19.86 20.59 -10.74
CA GLU B 79 -20.97 21.01 -9.94
C GLU B 79 -20.77 22.42 -9.38
N LYS B 80 -19.59 22.97 -9.54
CA LYS B 80 -19.29 24.30 -9.01
C LYS B 80 -19.58 24.46 -7.49
N LEU B 81 -19.21 23.48 -6.68
CA LEU B 81 -19.46 23.58 -5.27
C LEU B 81 -18.45 24.48 -4.60
N GLU B 82 -18.86 25.11 -3.49
CA GLU B 82 -17.91 25.85 -2.63
C GLU B 82 -17.30 24.85 -1.67
N THR B 83 -16.50 23.95 -2.23
CA THR B 83 -15.81 22.92 -1.47
C THR B 83 -14.34 22.89 -1.88
N LYS B 84 -13.45 23.08 -0.91
CA LYS B 84 -12.02 22.91 -1.11
C LYS B 84 -11.77 21.42 -1.20
N VAL B 85 -10.75 21.01 -1.94
CA VAL B 85 -10.43 19.63 -2.10
C VAL B 85 -8.95 19.37 -1.79
N VAL B 86 -8.73 18.42 -0.88
CA VAL B 86 -7.41 17.96 -0.48
C VAL B 86 -7.32 16.50 -0.89
N VAL B 87 -6.41 16.15 -1.78
CA VAL B 87 -6.16 14.77 -2.10
C VAL B 87 -5.09 14.25 -1.10
N VAL B 88 -5.26 13.02 -0.63
CA VAL B 88 -4.32 12.37 0.28
C VAL B 88 -4.14 10.96 -0.21
N THR B 89 -2.94 10.64 -0.68
CA THR B 89 -2.72 9.38 -1.42
C THR B 89 -1.40 8.73 -1.09
N THR B 90 -1.31 7.41 -1.18
CA THR B 90 -0.01 6.76 -1.16
C THR B 90 0.86 6.98 -2.42
N PHE B 91 0.23 7.26 -3.56
CA PHE B 91 0.89 7.18 -4.85
C PHE B 91 1.59 8.47 -5.28
N LYS B 92 2.80 8.27 -5.78
CA LYS B 92 3.67 9.34 -6.30
C LYS B 92 3.59 9.52 -7.81
N ARG B 93 2.64 8.81 -8.42
CA ARG B 93 2.51 8.75 -9.86
C ARG B 93 2.22 10.15 -10.41
N ALA B 94 3.06 10.62 -11.35
CA ALA B 94 2.98 11.98 -11.79
C ALA B 94 1.60 12.28 -12.36
N GLY B 95 1.05 11.34 -13.14
CA GLY B 95 -0.21 11.55 -13.82
C GLY B 95 -1.34 11.96 -12.87
N TYR B 96 -1.33 11.37 -11.69
CA TYR B 96 -2.38 11.65 -10.75
C TYR B 96 -2.30 13.10 -10.31
N PHE B 97 -1.10 13.52 -9.94
CA PHE B 97 -0.84 14.87 -9.50
C PHE B 97 -1.17 15.89 -10.58
N GLU B 98 -0.70 15.63 -11.78
CA GLU B 98 -1.02 16.51 -12.92
C GLU B 98 -2.51 16.65 -13.15
N ARG B 99 -3.22 15.53 -13.17
CA ARG B 99 -4.68 15.59 -13.40
C ARG B 99 -5.38 16.37 -12.27
N ALA B 100 -4.90 16.15 -11.06
CA ALA B 100 -5.47 16.81 -9.89
C ALA B 100 -5.32 18.31 -10.02
N VAL B 101 -4.12 18.77 -10.39
CA VAL B 101 -3.87 20.21 -10.52
C VAL B 101 -4.68 20.84 -11.68
N LYS B 102 -4.77 20.15 -12.80
CA LYS B 102 -5.56 20.65 -13.91
C LYS B 102 -7.04 20.80 -13.53
N ALA B 103 -7.50 20.00 -12.56
CA ALA B 103 -8.82 20.19 -12.00
C ALA B 103 -8.84 21.19 -10.83
N GLY B 104 -7.76 21.91 -10.59
CA GLY B 104 -7.76 22.94 -9.56
C GLY B 104 -7.85 22.38 -8.16
N VAL B 105 -7.21 21.24 -7.90
CA VAL B 105 -7.19 20.73 -6.54
C VAL B 105 -6.54 21.81 -5.62
N ASP B 106 -7.00 21.94 -4.36
CA ASP B 106 -6.42 22.92 -3.44
C ASP B 106 -5.19 22.39 -2.73
N ALA B 107 -5.16 21.08 -2.45
CA ALA B 107 -3.95 20.48 -1.91
C ALA B 107 -3.83 19.00 -2.33
N TYR B 108 -2.60 18.55 -2.43
CA TYR B 108 -2.27 17.17 -2.86
C TYR B 108 -1.13 16.77 -2.00
N VAL B 109 -1.37 15.81 -1.11
CA VAL B 109 -0.32 15.39 -0.22
C VAL B 109 -0.26 13.86 -0.09
N LEU B 110 0.92 13.43 0.30
CA LEU B 110 1.22 11.97 0.37
C LEU B 110 0.89 11.45 1.77
N LYS B 111 0.65 10.14 1.87
CA LYS B 111 0.42 9.55 3.17
C LYS B 111 1.70 9.35 3.99
N GLU B 112 2.82 9.87 3.49
CA GLU B 112 4.07 10.01 4.25
C GLU B 112 3.93 11.13 5.26
N ARG B 113 2.94 11.99 5.05
CA ARG B 113 2.78 13.18 5.90
C ARG B 113 2.03 12.84 7.20
N SER B 114 2.23 13.64 8.23
CA SER B 114 1.56 13.40 9.50
C SER B 114 0.12 13.93 9.56
N ILE B 115 -0.58 13.57 10.62
CA ILE B 115 -1.93 14.08 10.86
C ILE B 115 -1.88 15.57 11.16
N ALA B 116 -0.87 16.00 11.92
CA ALA B 116 -0.63 17.40 12.13
C ALA B 116 -0.45 18.14 10.81
N ASP B 117 0.31 17.56 9.88
CA ASP B 117 0.47 18.18 8.57
C ASP B 117 -0.86 18.32 7.86
N LEU B 118 -1.66 17.25 7.92
CA LEU B 118 -2.99 17.24 7.33
C LEU B 118 -3.84 18.40 7.91
N MET B 119 -3.81 18.60 9.22
CA MET B 119 -4.62 19.69 9.78
C MET B 119 -4.20 21.02 9.29
N GLN B 120 -2.91 21.22 9.27
CA GLN B 120 -2.34 22.42 8.78
C GLN B 120 -2.81 22.67 7.33
N THR B 121 -2.82 21.61 6.50
CA THR B 121 -3.25 21.70 5.11
C THR B 121 -4.72 22.11 5.04
N LEU B 122 -5.50 21.62 5.98
CA LEU B 122 -6.91 22.03 6.01
C LEU B 122 -7.10 23.53 6.22
N HIS B 123 -6.35 24.09 7.16
CA HIS B 123 -6.39 25.53 7.39
C HIS B 123 -5.86 26.27 6.17
N THR B 124 -4.76 25.78 5.58
CA THR B 124 -4.23 26.39 4.36
C THR B 124 -5.25 26.52 3.22
N VAL B 125 -6.00 25.46 2.93
CA VAL B 125 -6.89 25.56 1.80
C VAL B 125 -8.11 26.45 2.17
N LEU B 126 -8.52 26.40 3.40
CA LEU B 126 -9.65 27.23 3.79
C LEU B 126 -9.28 28.73 3.77
N GLU B 127 -8.00 29.05 3.85
CA GLU B 127 -7.53 30.42 3.69
C GLU B 127 -7.27 30.83 2.20
N GLY B 128 -7.68 29.97 1.27
CA GLY B 128 -7.56 30.25 -0.14
C GLY B 128 -6.19 29.95 -0.71
N ARG B 129 -5.33 29.29 0.06
CA ARG B 129 -4.01 28.99 -0.41
C ARG B 129 -3.96 27.52 -0.89
N LYS B 130 -2.84 27.17 -1.49
CA LYS B 130 -2.59 25.80 -2.04
C LYS B 130 -1.45 25.12 -1.30
N GLU B 131 -1.49 23.78 -1.25
CA GLU B 131 -0.42 23.01 -0.63
C GLU B 131 -0.20 21.81 -1.53
N TYR B 132 0.86 21.89 -2.32
CA TYR B 132 1.29 20.83 -3.25
C TYR B 132 2.49 20.07 -2.72
N SER B 133 2.39 18.73 -2.67
CA SER B 133 3.47 17.88 -2.20
C SER B 133 4.84 18.36 -2.75
N PRO B 134 5.77 18.75 -1.85
CA PRO B 134 7.05 19.26 -2.35
C PRO B 134 7.76 18.27 -3.19
N GLU B 135 7.61 16.99 -2.86
CA GLU B 135 8.29 15.96 -3.62
C GLU B 135 7.73 15.79 -5.03
N LEU B 136 6.42 15.86 -5.17
CA LEU B 136 5.83 15.65 -6.46
C LEU B 136 6.05 16.90 -7.33
N MET B 137 6.15 18.05 -6.68
CA MET B 137 6.43 19.30 -7.39
C MET B 137 7.79 19.24 -8.05
N GLU B 138 8.77 18.80 -7.27
CA GLU B 138 10.13 18.74 -7.73
C GLU B 138 10.26 17.71 -8.84
N MET B 139 9.52 16.62 -8.73
CA MET B 139 9.54 15.57 -9.71
C MET B 139 9.02 16.06 -11.05
N VAL B 140 7.84 16.68 -11.03
CA VAL B 140 7.19 17.11 -12.26
C VAL B 140 7.90 18.30 -12.93
N MET B 141 8.54 19.16 -12.15
CA MET B 141 9.34 20.26 -12.69
C MET B 141 10.77 19.88 -13.11
N THR B 142 11.14 18.60 -12.94
CA THR B 142 12.48 18.15 -13.31
C THR B 142 12.40 17.26 -14.55
N ARG B 143 12.75 17.85 -15.69
CA ARG B 143 12.76 17.18 -17.00
C ARG B 143 14.13 17.30 -17.66
N PRO B 144 14.42 16.40 -18.62
CA PRO B 144 15.70 16.52 -19.32
C PRO B 144 15.78 17.81 -20.17
N ASN B 145 16.97 18.36 -20.30
CA ASN B 145 17.24 19.46 -21.23
C ASN B 145 16.59 19.11 -22.58
N PRO B 146 15.77 19.99 -23.18
CA PRO B 146 15.06 19.66 -24.43
C PRO B 146 15.89 19.81 -25.71
N LEU B 147 17.12 20.25 -25.55
CA LEU B 147 17.98 20.55 -26.71
C LEU B 147 19.02 19.47 -26.89
N THR B 148 19.41 19.18 -28.13
CA THR B 148 20.52 18.26 -28.40
C THR B 148 21.81 18.95 -28.12
N GLU B 149 22.89 18.19 -27.98
CA GLU B 149 24.25 18.69 -27.83
C GLU B 149 24.61 19.68 -28.94
N GLN B 150 24.10 19.42 -30.13
CA GLN B 150 24.50 20.15 -31.31
C GLN B 150 23.73 21.46 -31.28
N GLU B 151 22.46 21.36 -30.88
CA GLU B 151 21.67 22.56 -30.73
C GLU B 151 22.24 23.51 -29.67
N ILE B 152 22.69 22.96 -28.54
CA ILE B 152 23.33 23.72 -27.49
C ILE B 152 24.58 24.42 -28.02
N ALA B 153 25.43 23.69 -28.72
CA ALA B 153 26.60 24.35 -29.35
C ALA B 153 26.23 25.51 -30.29
N VAL B 154 25.13 25.38 -31.06
CA VAL B 154 24.73 26.45 -31.92
C VAL B 154 24.32 27.70 -31.10
N LEU B 155 23.52 27.44 -30.05
CA LEU B 155 22.99 28.50 -29.19
C LEU B 155 24.11 29.27 -28.49
N LYS B 156 25.10 28.53 -28.04
CA LYS B 156 26.26 29.14 -27.42
C LYS B 156 26.96 30.05 -28.43
N GLY B 157 27.08 29.59 -29.68
CA GLY B 157 27.62 30.44 -30.75
C GLY B 157 26.77 31.70 -30.96
N ILE B 158 25.45 31.52 -30.97
CA ILE B 158 24.55 32.65 -31.12
C ILE B 158 24.78 33.64 -29.97
N ALA B 159 24.78 33.15 -28.73
CA ALA B 159 25.06 34.00 -27.59
C ALA B 159 26.42 34.73 -27.67
N ARG B 160 27.44 34.17 -28.33
CA ARG B 160 28.72 34.89 -28.55
C ARG B 160 28.67 35.88 -29.68
N GLY B 161 27.51 36.08 -30.28
CA GLY B 161 27.37 36.97 -31.42
C GLY B 161 27.74 36.44 -32.82
N LEU B 162 27.97 35.14 -32.97
CA LEU B 162 28.45 34.63 -34.26
C LEU B 162 27.30 34.54 -35.29
N SER B 163 27.61 34.73 -36.55
CA SER B 163 26.67 34.53 -37.65
C SER B 163 26.46 33.03 -37.91
N ASN B 164 25.43 32.64 -38.68
CA ASN B 164 25.25 31.23 -38.99
C ASN B 164 26.49 30.69 -39.73
N GLN B 165 27.14 31.54 -40.54
CA GLN B 165 28.34 31.04 -41.25
C GLN B 165 29.46 30.82 -40.28
N GLU B 166 29.60 31.71 -39.32
CA GLU B 166 30.68 31.54 -38.36
C GLU B 166 30.50 30.26 -37.52
N ILE B 167 29.27 30.01 -37.11
CA ILE B 167 28.96 28.82 -36.34
C ILE B 167 29.24 27.58 -37.20
N ALA B 168 28.84 27.67 -38.46
CA ALA B 168 29.01 26.55 -39.43
C ALA B 168 30.50 26.23 -39.60
N ASP B 169 31.34 27.25 -39.72
CA ASP B 169 32.76 26.98 -39.85
C ASP B 169 33.35 26.44 -38.58
N GLN B 170 32.84 26.90 -37.44
CA GLN B 170 33.28 26.35 -36.13
C GLN B 170 32.92 24.89 -35.99
N LEU B 171 31.73 24.49 -36.44
CA LEU B 171 31.29 23.12 -36.26
C LEU B 171 31.57 22.27 -37.51
N TYR B 172 32.15 22.87 -38.55
CA TYR B 172 32.53 22.06 -39.76
C TYR B 172 31.29 21.48 -40.45
N LEU B 173 30.28 22.31 -40.53
CA LEU B 173 28.99 21.94 -41.14
C LEU B 173 28.57 23.01 -42.11
N SER B 174 27.63 22.72 -42.98
CA SER B 174 27.19 23.74 -43.93
C SER B 174 26.35 24.78 -43.17
N ASN B 175 26.25 25.98 -43.70
CA ASN B 175 25.40 26.91 -43.01
C ASN B 175 23.92 26.52 -43.14
N GLY B 176 23.54 25.75 -44.17
CA GLY B 176 22.19 25.18 -44.22
C GLY B 176 21.93 24.19 -43.07
N THR B 177 22.96 23.48 -42.65
CA THR B 177 22.76 22.52 -41.57
C THR B 177 22.52 23.36 -40.29
N ILE B 178 23.33 24.39 -40.12
CA ILE B 178 23.13 25.33 -39.00
C ILE B 178 21.75 25.97 -39.07
N ARG B 179 21.30 26.41 -40.25
CA ARG B 179 19.94 26.94 -40.42
C ARG B 179 18.87 25.93 -40.02
N ASN B 180 19.14 24.63 -40.24
CA ASN B 180 18.16 23.60 -39.84
C ASN B 180 18.13 23.43 -38.31
N TYR B 181 19.29 23.42 -37.65
CA TYR B 181 19.34 23.49 -36.18
C TYR B 181 18.54 24.70 -35.65
N VAL B 182 18.78 25.87 -36.22
CA VAL B 182 18.04 27.03 -35.74
C VAL B 182 16.50 26.85 -35.87
N THR B 183 16.06 26.45 -37.06
CA THR B 183 14.65 26.18 -37.32
C THR B 183 14.02 25.22 -36.28
N ASN B 184 14.75 24.18 -35.91
CA ASN B 184 14.23 23.22 -34.96
C ASN B 184 14.20 23.83 -33.58
N ILE B 185 15.23 24.61 -33.29
CA ILE B 185 15.34 25.31 -32.00
C ILE B 185 14.16 26.27 -31.81
N LEU B 186 13.92 27.10 -32.82
CA LEU B 186 12.86 28.08 -32.72
C LEU B 186 11.53 27.39 -32.41
N SER B 187 11.30 26.23 -33.02
CA SER B 187 10.02 25.57 -32.91
C SER B 187 9.94 24.91 -31.53
N LYS B 188 11.00 24.20 -31.12
CA LYS B 188 11.11 23.61 -29.80
C LYS B 188 10.85 24.61 -28.69
N LEU B 189 11.52 25.73 -28.78
CA LEU B 189 11.52 26.76 -27.72
C LEU B 189 10.40 27.78 -27.90
N ASP B 190 9.69 27.68 -29.02
CA ASP B 190 8.75 28.72 -29.46
C ASP B 190 9.37 30.12 -29.28
N ALA B 191 10.43 30.38 -30.04
CA ALA B 191 11.18 31.63 -29.97
C ALA B 191 11.02 32.27 -31.31
N GLY B 192 11.01 33.60 -31.35
CA GLY B 192 10.76 34.31 -32.59
C GLY B 192 12.00 34.52 -33.44
N ASN B 193 13.17 34.42 -32.83
CA ASN B 193 14.44 34.57 -33.54
C ASN B 193 15.59 33.95 -32.77
N ARG B 194 16.75 33.87 -33.41
CA ARG B 194 17.91 33.15 -32.87
C ARG B 194 18.43 33.78 -31.57
N THR B 195 18.38 35.12 -31.45
CA THR B 195 18.95 35.76 -30.25
C THR B 195 18.04 35.52 -29.06
N GLU B 196 16.74 35.56 -29.32
CA GLU B 196 15.75 35.26 -28.31
C GLU B 196 15.85 33.78 -27.91
N ALA B 197 16.12 32.92 -28.87
CA ALA B 197 16.26 31.51 -28.58
C ALA B 197 17.44 31.30 -27.60
N ALA B 198 18.53 32.01 -27.80
CA ALA B 198 19.68 31.86 -26.94
C ALA B 198 19.38 32.41 -25.51
N ASN B 199 18.50 33.43 -25.45
CA ASN B 199 18.14 34.02 -24.18
C ASN B 199 17.32 33.02 -23.34
N ILE B 200 16.35 32.42 -24.02
CA ILE B 200 15.40 31.52 -23.40
C ILE B 200 16.18 30.30 -22.89
N ALA B 201 17.04 29.75 -23.73
CA ALA B 201 17.85 28.59 -23.32
C ALA B 201 18.71 28.87 -22.13
N LYS B 202 19.38 30.02 -22.14
CA LYS B 202 20.27 30.42 -21.04
C LYS B 202 19.50 30.47 -19.71
N GLU B 203 18.43 31.26 -19.69
CA GLU B 203 17.69 31.53 -18.47
C GLU B 203 16.93 30.31 -17.99
N SER B 204 16.63 29.40 -18.91
CA SER B 204 16.07 28.11 -18.57
C SER B 204 17.15 27.14 -18.00
N GLY B 205 18.42 27.52 -17.98
CA GLY B 205 19.46 26.64 -17.47
C GLY B 205 19.86 25.49 -18.42
N TRP B 206 19.71 25.72 -19.71
CA TRP B 206 19.94 24.68 -20.70
C TRP B 206 21.27 24.81 -21.52
N LEU B 207 22.10 25.85 -21.24
CA LEU B 207 23.43 26.05 -21.85
C LEU B 207 24.63 25.90 -20.86
#